data_8P6H
#
_entry.id   8P6H
#
_cell.length_a   161.160
_cell.length_b   49.045
_cell.length_c   60.381
_cell.angle_alpha   90.00
_cell.angle_beta   90.87
_cell.angle_gamma   90.00
#
_symmetry.space_group_name_H-M   'C 1 2 1'
#
loop_
_entity.id
_entity.type
_entity.pdbx_description
1 polymer 'Antibody BLV5B8* light chain'
2 polymer 'Antibody BLV5B8* heavy chain'
3 water water
#
loop_
_entity_poly.entity_id
_entity_poly.type
_entity_poly.pdbx_seq_one_letter_code
_entity_poly.pdbx_strand_id
1 'polypeptide(L)'
;MGILPSPGMPALLSLVSLLSVLLMGCVAQGVLTQPSSVSGSLGQRVSITCSGSSSNVGRGYVSWYQMTPGSAPRTLIYGD
TNRASGVPDRFSASRSGNTATLTISSLQAEDEADYFCASAEGSSSNAVFGSGTTLTVLGQPKSPPSVTLFPPSTEELNGN
KATLVCLISDFYPGSVTVVWKADGSTITRNVETTRASKQSNSKYAASSYLSLTSSDWKSKGSYSCEVTHEGSTVTKTVKP
SECS
;
L
2 'polypeptide(L)'
;MGILPSPGMPALLSLVSLLSVLLMGCVAQVQLRESGPSLVQPSQTLSLTCTASGFSLSDKAVGWVRQAPGKALEWLGSID
TGGSTGYNPGLKSRLSITKDNSKSQVSLSVSSVTTEDSATYYCTTVHQETRKTCSDGYIAVDSCGRGQSDGCVNDCNSCY
YGWRNCRRQPAIHSYEFHVDAWGRGLLVTVSSASTTAPKVYPLSSCCGDKSSSTVTLGCLVSSYMPEPVTVTWNSGALKS
GVHTFPAVLQSSGLYSLSSMVTVPGSTSGTQTFTCNVAHPASSTKVDKAVDPRCGKHHHHHH
;
H
#
# COMPACT_ATOMS: atom_id res chain seq x y z
N GLN A 29 -5.88 1.38 25.09
CA GLN A 29 -7.13 2.17 25.31
C GLN A 29 -6.91 3.62 24.86
N GLY A 30 -5.77 4.21 25.25
CA GLY A 30 -5.46 5.59 24.93
C GLY A 30 -5.30 5.87 23.42
N VAL A 31 -5.35 7.15 23.09
CA VAL A 31 -5.26 7.60 21.71
C VAL A 31 -4.17 8.65 21.64
N LEU A 32 -3.24 8.48 20.69
CA LEU A 32 -2.23 9.52 20.43
C LEU A 32 -2.63 10.22 19.13
N THR A 33 -3.10 11.47 19.19
CA THR A 33 -3.66 12.14 18.02
C THR A 33 -2.62 13.02 17.33
N GLN A 34 -2.46 12.79 16.04
CA GLN A 34 -1.55 13.53 15.20
C GLN A 34 -2.37 14.24 14.12
N PRO A 35 -1.85 15.31 13.49
CA PRO A 35 -2.49 15.83 12.28
C PRO A 35 -2.46 14.76 11.18
N SER A 36 -3.52 14.67 10.37
CA SER A 36 -3.56 13.69 9.32
C SER A 36 -2.53 14.02 8.24
N SER A 37 -2.35 15.34 7.97
CA SER A 37 -1.51 15.81 6.87
C SER A 37 -0.67 16.99 7.29
N VAL A 38 0.56 17.02 6.77
CA VAL A 38 1.41 18.20 6.83
C VAL A 38 2.13 18.32 5.48
N SER A 39 2.50 19.57 5.17
CA SER A 39 3.19 19.83 3.92
C SER A 39 4.13 21.01 4.12
N GLY A 40 5.17 21.01 3.29
CA GLY A 40 5.94 22.21 3.06
C GLY A 40 6.83 22.06 1.82
N SER A 41 7.57 23.14 1.56
CA SER A 41 8.54 23.26 0.48
C SER A 41 9.93 22.89 0.94
N LEU A 42 10.81 22.61 -0.01
CA LEU A 42 12.15 22.15 0.33
C LEU A 42 12.83 23.18 1.19
N GLY A 43 13.46 22.70 2.28
CA GLY A 43 14.22 23.56 3.17
C GLY A 43 13.38 24.27 4.24
N GLN A 44 12.06 24.05 4.25
CA GLN A 44 11.25 24.71 5.27
C GLN A 44 11.24 23.90 6.60
N ARG A 45 10.94 24.57 7.69
CA ARG A 45 10.78 23.95 9.00
C ARG A 45 9.34 23.45 9.16
N VAL A 46 9.19 22.14 9.45
CA VAL A 46 7.89 21.50 9.52
C VAL A 46 7.80 20.78 10.86
N SER A 47 6.65 20.87 11.54
CA SER A 47 6.46 20.18 12.81
C SER A 47 5.23 19.26 12.81
N ILE A 48 5.28 18.17 13.61
CA ILE A 48 4.23 17.16 13.68
C ILE A 48 3.95 16.94 15.17
N THR A 49 2.70 17.16 15.62
CA THR A 49 2.33 17.00 17.02
C THR A 49 1.71 15.63 17.27
N CYS A 50 1.81 15.26 18.54
CA CYS A 50 1.40 13.96 19.06
C CYS A 50 0.82 14.24 20.45
N SER A 51 -0.51 14.37 20.52
CA SER A 51 -1.20 14.70 21.77
C SER A 51 -1.81 13.43 22.36
N GLY A 52 -1.45 13.16 23.62
CA GLY A 52 -1.92 12.03 24.40
C GLY A 52 -2.56 12.45 25.73
N SER A 53 -2.28 11.67 26.78
CA SER A 53 -2.77 11.95 28.12
C SER A 53 -1.63 11.75 29.12
N SER A 54 -1.88 12.05 30.40
CA SER A 54 -0.85 11.93 31.43
C SER A 54 -0.40 10.48 31.59
N SER A 55 -1.24 9.53 31.18
CA SER A 55 -0.94 8.10 31.26
C SER A 55 -0.08 7.57 30.10
N ASN A 56 0.13 8.36 29.05
CA ASN A 56 0.98 7.89 27.95
C ASN A 56 2.06 8.94 27.66
N VAL A 57 1.75 9.88 26.78
CA VAL A 57 2.72 10.90 26.42
C VAL A 57 3.23 11.60 27.68
N GLY A 58 2.31 11.92 28.59
CA GLY A 58 2.66 12.69 29.78
C GLY A 58 3.75 12.05 30.65
N ARG A 59 4.01 10.76 30.44
CA ARG A 59 5.01 10.00 31.17
C ARG A 59 6.39 10.02 30.51
N GLY A 60 6.52 10.57 29.30
CA GLY A 60 7.84 11.03 28.84
C GLY A 60 8.83 9.98 28.30
N TYR A 61 8.35 9.03 27.50
CA TYR A 61 9.19 8.13 26.73
C TYR A 61 8.51 7.90 25.38
N VAL A 62 8.37 9.00 24.66
CA VAL A 62 7.74 9.03 23.35
C VAL A 62 8.77 8.60 22.31
N SER A 63 8.35 7.86 21.30
CA SER A 63 9.18 7.46 20.18
C SER A 63 8.49 7.92 18.87
N TRP A 64 9.27 8.03 17.81
CA TRP A 64 8.83 8.46 16.47
C TRP A 64 9.38 7.55 15.40
N TYR A 65 8.54 7.34 14.36
CA TYR A 65 8.83 6.39 13.29
C TYR A 65 8.46 7.02 11.96
N GLN A 66 9.23 6.67 10.92
CA GLN A 66 9.03 7.09 9.56
C GLN A 66 8.76 5.86 8.70
N MET A 67 7.79 6.01 7.80
CA MET A 67 7.49 4.98 6.84
C MET A 67 7.50 5.59 5.45
N THR A 68 8.58 5.35 4.71
CA THR A 68 8.74 5.87 3.36
C THR A 68 7.98 4.96 2.41
N PRO A 69 7.58 5.42 1.21
CA PRO A 69 6.84 4.56 0.28
C PRO A 69 7.48 3.19 0.06
N GLY A 70 6.68 2.14 0.30
CA GLY A 70 7.09 0.76 0.00
C GLY A 70 8.31 0.29 0.79
N SER A 71 8.44 0.76 2.05
CA SER A 71 9.51 0.34 2.95
C SER A 71 8.92 0.00 4.32
N ALA A 72 9.59 -0.86 5.10
CA ALA A 72 9.20 -1.07 6.49
C ALA A 72 9.44 0.23 7.27
N PRO A 73 8.73 0.47 8.40
CA PRO A 73 9.05 1.64 9.24
C PRO A 73 10.52 1.66 9.68
N ARG A 74 11.03 2.87 9.94
CA ARG A 74 12.31 3.02 10.61
C ARG A 74 12.11 3.93 11.84
N THR A 75 12.82 3.62 12.89
CA THR A 75 12.81 4.42 14.10
C THR A 75 13.63 5.70 13.92
N LEU A 76 13.04 6.86 14.25
CA LEU A 76 13.68 8.17 14.18
C LEU A 76 14.15 8.60 15.58
N ILE A 77 13.29 8.49 16.58
CA ILE A 77 13.46 9.12 17.89
C ILE A 77 13.05 8.12 18.96
N TYR A 78 13.72 8.11 20.10
CA TYR A 78 13.22 7.38 21.23
C TYR A 78 13.55 8.15 22.49
N GLY A 79 12.86 7.84 23.57
CA GLY A 79 13.03 8.54 24.86
C GLY A 79 12.78 10.04 24.78
N ASP A 80 11.71 10.42 24.07
CA ASP A 80 11.27 11.78 23.76
C ASP A 80 12.20 12.51 22.78
N THR A 81 13.54 12.43 23.00
CA THR A 81 14.48 13.35 22.37
C THR A 81 15.66 12.66 21.71
N ASN A 82 15.97 11.39 21.96
CA ASN A 82 17.19 10.83 21.43
C ASN A 82 16.93 10.45 19.98
N ARG A 83 17.92 10.66 19.13
CA ARG A 83 17.90 10.37 17.70
C ARG A 83 18.48 8.97 17.45
N ALA A 84 17.76 8.14 16.70
CA ALA A 84 18.32 6.85 16.28
C ALA A 84 19.56 7.05 15.42
N SER A 85 20.48 6.06 15.46
CA SER A 85 21.69 5.99 14.66
C SER A 85 21.34 6.10 13.19
N GLY A 86 22.11 6.97 12.50
CA GLY A 86 22.01 7.14 11.08
C GLY A 86 20.95 8.14 10.63
N VAL A 87 20.13 8.65 11.54
CA VAL A 87 19.09 9.60 11.17
C VAL A 87 19.67 11.00 11.10
N PRO A 88 19.39 11.75 10.02
CA PRO A 88 19.98 13.08 9.89
C PRO A 88 19.54 14.03 11.02
N ASP A 89 20.39 14.99 11.35
CA ASP A 89 20.15 15.84 12.52
C ASP A 89 19.25 17.04 12.21
N ARG A 90 18.64 17.08 11.01
CA ARG A 90 17.50 17.94 10.78
C ARG A 90 16.24 17.44 11.51
N PHE A 91 16.25 16.22 12.05
CA PHE A 91 15.11 15.70 12.79
C PHE A 91 15.40 15.89 14.28
N SER A 92 14.48 16.47 15.02
CA SER A 92 14.62 16.60 16.46
C SER A 92 13.23 16.44 17.07
N ALA A 93 13.14 16.19 18.37
CA ALA A 93 11.84 16.11 18.98
C ALA A 93 11.88 16.62 20.41
N SER A 94 10.70 16.87 20.96
CA SER A 94 10.63 17.32 22.34
C SER A 94 9.22 17.04 22.84
N ARG A 95 9.01 17.35 24.09
CA ARG A 95 7.72 17.11 24.70
C ARG A 95 7.46 18.23 25.70
N SER A 96 6.21 18.67 25.73
CA SER A 96 5.71 19.56 26.77
C SER A 96 4.36 19.00 27.24
N GLY A 97 4.37 18.41 28.43
CA GLY A 97 3.15 17.90 29.03
C GLY A 97 2.69 16.64 28.28
N ASN A 98 1.47 16.70 27.75
CA ASN A 98 0.86 15.57 27.09
C ASN A 98 0.98 15.69 25.57
N THR A 99 1.78 16.64 25.07
CA THR A 99 2.01 16.79 23.65
C THR A 99 3.50 16.68 23.34
N ALA A 100 3.83 15.74 22.46
CA ALA A 100 5.18 15.58 21.91
C ALA A 100 5.18 16.14 20.50
N THR A 101 6.32 16.70 20.08
CA THR A 101 6.43 17.31 18.77
C THR A 101 7.67 16.76 18.09
N LEU A 102 7.51 16.36 16.83
CA LEU A 102 8.66 16.08 15.97
C LEU A 102 8.85 17.26 15.04
N THR A 103 10.07 17.76 14.93
CA THR A 103 10.41 18.87 14.04
C THR A 103 11.45 18.47 12.99
N ILE A 104 11.20 18.78 11.70
CA ILE A 104 12.21 18.68 10.67
C ILE A 104 12.64 20.11 10.37
N SER A 105 13.91 20.38 10.54
CA SER A 105 14.42 21.75 10.48
C SER A 105 14.50 22.26 9.04
N SER A 106 14.76 21.38 8.08
CA SER A 106 15.01 21.78 6.70
C SER A 106 14.49 20.64 5.82
N LEU A 107 13.24 20.76 5.40
CA LEU A 107 12.52 19.66 4.74
C LEU A 107 13.20 19.15 3.47
N GLN A 108 13.46 17.82 3.39
CA GLN A 108 14.19 17.25 2.25
C GLN A 108 13.25 16.37 1.44
N ALA A 109 13.63 16.11 0.19
CA ALA A 109 12.76 15.34 -0.70
C ALA A 109 12.37 14.02 -0.06
N GLU A 110 13.37 13.33 0.49
CA GLU A 110 13.23 11.98 1.02
CA GLU A 110 13.20 11.97 1.00
C GLU A 110 12.32 12.00 2.25
N ASP A 111 11.95 13.20 2.76
CA ASP A 111 11.12 13.28 3.96
C ASP A 111 9.64 13.11 3.66
N GLU A 112 9.24 13.04 2.38
CA GLU A 112 7.86 12.72 2.06
C GLU A 112 7.59 11.26 2.43
N ALA A 113 6.74 11.11 3.46
CA ALA A 113 6.64 9.86 4.18
C ALA A 113 5.51 9.99 5.18
N ASP A 114 5.15 8.86 5.82
CA ASP A 114 4.22 8.89 6.91
C ASP A 114 5.01 8.83 8.23
N TYR A 115 4.55 9.58 9.22
CA TYR A 115 5.20 9.68 10.54
C TYR A 115 4.26 9.20 11.64
N PHE A 116 4.79 8.47 12.64
CA PHE A 116 3.96 7.95 13.73
C PHE A 116 4.72 8.18 15.04
N CYS A 117 4.05 8.72 16.02
CA CYS A 117 4.55 8.66 17.40
C CYS A 117 4.05 7.40 18.09
N ALA A 118 4.59 7.13 19.26
CA ALA A 118 4.17 6.00 20.09
C ALA A 118 4.58 6.30 21.52
N SER A 119 3.94 5.57 22.43
CA SER A 119 4.26 5.64 23.85
C SER A 119 3.79 4.33 24.49
N ALA A 120 4.45 3.91 25.55
CA ALA A 120 3.83 2.92 26.41
C ALA A 120 2.59 3.51 27.08
N GLU A 121 1.71 2.63 27.56
CA GLU A 121 0.64 3.09 28.44
C GLU A 121 0.42 2.08 29.56
N GLY A 122 0.81 2.43 30.79
CA GLY A 122 0.56 1.62 31.98
C GLY A 122 1.43 0.35 32.07
N SER A 123 2.19 0.08 31.02
CA SER A 123 2.99 -1.14 30.90
C SER A 123 3.94 -0.94 29.74
N SER A 124 5.18 -1.43 29.85
CA SER A 124 6.17 -1.24 28.80
C SER A 124 5.86 -2.11 27.58
N SER A 125 4.97 -3.11 27.76
CA SER A 125 4.54 -3.98 26.68
C SER A 125 3.14 -3.62 26.17
N ASN A 126 2.59 -2.51 26.66
CA ASN A 126 1.37 -2.00 26.04
C ASN A 126 1.69 -0.69 25.32
N ALA A 127 1.98 -0.82 24.03
CA ALA A 127 2.36 0.30 23.19
C ALA A 127 1.13 0.84 22.48
N VAL A 128 1.09 2.15 22.34
CA VAL A 128 0.04 2.81 21.59
C VAL A 128 0.79 3.61 20.54
N PHE A 129 0.49 3.32 19.30
CA PHE A 129 0.97 4.17 18.21
C PHE A 129 -0.03 5.28 17.95
N GLY A 130 0.48 6.42 17.49
CA GLY A 130 -0.37 7.53 17.14
C GLY A 130 -1.13 7.28 15.81
N SER A 131 -2.04 8.18 15.48
CA SER A 131 -2.96 8.04 14.36
C SER A 131 -2.27 8.27 13.01
N GLY A 132 -1.05 8.83 13.03
CA GLY A 132 -0.26 8.92 11.80
C GLY A 132 -0.44 10.23 11.04
N THR A 133 0.68 10.69 10.44
CA THR A 133 0.73 11.91 9.63
C THR A 133 1.36 11.62 8.28
N THR A 134 0.69 12.07 7.18
CA THR A 134 1.31 12.07 5.88
C THR A 134 1.94 13.44 5.65
N LEU A 135 3.23 13.41 5.32
CA LEU A 135 3.98 14.60 4.98
C LEU A 135 4.20 14.60 3.48
N THR A 136 3.81 15.69 2.81
CA THR A 136 4.10 15.89 1.39
C THR A 136 5.04 17.09 1.24
N VAL A 137 6.04 16.93 0.35
CA VAL A 137 6.96 17.98 -0.03
C VAL A 137 6.36 18.66 -1.27
N LEU A 138 6.04 19.95 -1.15
CA LEU A 138 5.54 20.77 -2.25
C LEU A 138 6.70 21.19 -3.14
N GLY A 139 6.36 21.54 -4.39
CA GLY A 139 7.38 21.91 -5.37
C GLY A 139 6.93 21.63 -6.80
N GLN A 140 6.50 20.37 -7.04
CA GLN A 140 6.04 19.92 -8.33
C GLN A 140 5.07 20.97 -8.89
N PRO A 141 5.21 21.32 -10.19
CA PRO A 141 4.20 22.14 -10.83
C PRO A 141 2.98 21.28 -11.12
N LYS A 142 1.84 21.96 -11.35
CA LYS A 142 0.63 21.30 -11.78
C LYS A 142 0.85 20.64 -13.14
N SER A 143 0.25 19.44 -13.32
CA SER A 143 0.35 18.67 -14.53
C SER A 143 -0.99 17.98 -14.72
N PRO A 144 -1.62 18.00 -15.92
CA PRO A 144 -2.92 17.36 -16.14
C PRO A 144 -2.71 15.88 -16.36
N PRO A 145 -3.77 15.10 -16.22
CA PRO A 145 -3.68 13.68 -16.47
C PRO A 145 -3.58 13.34 -17.96
N SER A 146 -2.73 12.36 -18.26
CA SER A 146 -2.84 11.62 -19.49
C SER A 146 -3.84 10.50 -19.28
N VAL A 147 -4.76 10.30 -20.22
CA VAL A 147 -5.77 9.28 -20.07
C VAL A 147 -5.72 8.32 -21.24
N THR A 148 -5.65 7.03 -20.96
CA THR A 148 -5.84 6.01 -21.99
C THR A 148 -7.00 5.10 -21.61
N LEU A 149 -7.94 4.94 -22.54
CA LEU A 149 -9.12 4.10 -22.38
C LEU A 149 -8.99 2.90 -23.32
N PHE A 150 -9.03 1.71 -22.71
CA PHE A 150 -8.98 0.46 -23.47
C PHE A 150 -10.35 -0.19 -23.46
N PRO A 151 -10.84 -0.66 -24.63
CA PRO A 151 -12.07 -1.42 -24.73
C PRO A 151 -11.80 -2.85 -24.28
N PRO A 152 -12.86 -3.67 -24.09
CA PRO A 152 -12.68 -5.11 -23.83
C PRO A 152 -12.00 -5.80 -25.02
N SER A 153 -11.12 -6.77 -24.70
CA SER A 153 -10.48 -7.64 -25.70
C SER A 153 -11.55 -8.56 -26.29
N THR A 154 -11.35 -9.00 -27.53
CA THR A 154 -12.22 -10.04 -28.06
C THR A 154 -12.20 -11.29 -27.18
N GLU A 155 -11.01 -11.68 -26.70
CA GLU A 155 -10.90 -12.86 -25.86
C GLU A 155 -11.76 -12.73 -24.61
N GLU A 156 -11.72 -11.57 -23.94
CA GLU A 156 -12.58 -11.46 -22.78
C GLU A 156 -14.05 -11.59 -23.12
N LEU A 157 -14.48 -10.92 -24.18
CA LEU A 157 -15.87 -10.90 -24.63
C LEU A 157 -16.35 -12.33 -24.90
N ASN A 158 -15.47 -13.16 -25.45
CA ASN A 158 -15.80 -14.56 -25.67
C ASN A 158 -16.28 -15.21 -24.38
N GLY A 159 -15.79 -14.72 -23.23
CA GLY A 159 -16.20 -15.23 -21.94
C GLY A 159 -17.49 -14.61 -21.39
N ASN A 160 -18.19 -13.79 -22.19
CA ASN A 160 -19.41 -13.09 -21.81
C ASN A 160 -19.11 -11.97 -20.80
N LYS A 161 -17.90 -11.41 -20.88
CA LYS A 161 -17.47 -10.36 -19.97
C LYS A 161 -16.83 -9.22 -20.77
N ALA A 162 -17.00 -8.00 -20.29
CA ALA A 162 -16.32 -6.87 -20.91
C ALA A 162 -15.79 -5.99 -19.79
N THR A 163 -14.47 -5.78 -19.76
CA THR A 163 -13.89 -4.81 -18.84
C THR A 163 -13.31 -3.65 -19.63
N LEU A 164 -13.79 -2.42 -19.36
CA LEU A 164 -13.19 -1.21 -19.87
C LEU A 164 -12.22 -0.71 -18.81
N VAL A 165 -11.05 -0.32 -19.28
CA VAL A 165 -9.94 0.04 -18.42
C VAL A 165 -9.53 1.48 -18.77
N CYS A 166 -9.65 2.37 -17.78
CA CYS A 166 -9.23 3.75 -17.92
C CYS A 166 -7.97 3.98 -17.09
N LEU A 167 -6.86 4.27 -17.78
CA LEU A 167 -5.57 4.40 -17.09
C LEU A 167 -5.14 5.86 -17.08
N ILE A 168 -4.75 6.36 -15.93
CA ILE A 168 -4.64 7.80 -15.72
C ILE A 168 -3.25 8.08 -15.15
N SER A 169 -2.45 8.95 -15.82
CA SER A 169 -1.07 9.08 -15.44
C SER A 169 -0.56 10.51 -15.50
N ASP A 170 0.58 10.73 -14.85
CA ASP A 170 1.39 11.94 -14.95
C ASP A 170 0.60 13.20 -14.53
N PHE A 171 -0.23 13.08 -13.51
CA PHE A 171 -0.93 14.24 -12.98
C PHE A 171 -0.37 14.71 -11.65
N TYR A 172 -0.57 16.01 -11.36
CA TYR A 172 -0.14 16.58 -10.11
C TYR A 172 -0.98 17.83 -9.93
N PRO A 173 -1.60 18.08 -8.76
CA PRO A 173 -1.50 17.26 -7.55
C PRO A 173 -2.26 15.94 -7.71
N GLY A 174 -2.12 15.04 -6.72
CA GLY A 174 -2.67 13.68 -6.81
C GLY A 174 -4.15 13.58 -6.42
N SER A 175 -5.00 14.11 -7.29
CA SER A 175 -6.45 14.15 -7.06
C SER A 175 -7.23 14.21 -8.37
N VAL A 176 -7.82 13.08 -8.75
CA VAL A 176 -8.67 13.06 -9.95
C VAL A 176 -9.98 12.42 -9.54
N THR A 177 -11.01 12.71 -10.29
CA THR A 177 -12.30 12.03 -10.20
C THR A 177 -12.69 11.43 -11.55
N VAL A 178 -13.35 10.28 -11.51
CA VAL A 178 -13.64 9.53 -12.70
C VAL A 178 -15.13 9.28 -12.81
N VAL A 179 -15.68 9.65 -13.96
CA VAL A 179 -17.07 9.35 -14.28
C VAL A 179 -17.13 8.58 -15.60
N TRP A 180 -17.91 7.50 -15.58
CA TRP A 180 -18.17 6.66 -16.73
C TRP A 180 -19.54 7.01 -17.28
N LYS A 181 -19.61 6.98 -18.61
CA LYS A 181 -20.83 7.28 -19.35
C LYS A 181 -21.02 6.21 -20.42
N ALA A 182 -22.31 5.89 -20.64
CA ALA A 182 -22.75 5.13 -21.80
C ALA A 182 -23.81 5.93 -22.56
N ASP A 183 -23.49 6.32 -23.80
CA ASP A 183 -24.36 7.18 -24.59
C ASP A 183 -24.80 8.39 -23.78
N GLY A 184 -23.82 9.06 -23.15
CA GLY A 184 -24.03 10.35 -22.52
C GLY A 184 -24.76 10.28 -21.18
N SER A 185 -25.14 9.09 -20.70
CA SER A 185 -25.71 8.97 -19.36
C SER A 185 -24.69 8.31 -18.44
N THR A 186 -24.73 8.69 -17.16
CA THR A 186 -23.78 8.25 -16.17
C THR A 186 -24.09 6.82 -15.72
N ILE A 187 -23.02 6.02 -15.60
CA ILE A 187 -23.06 4.68 -15.05
C ILE A 187 -22.29 4.69 -13.73
N THR A 188 -22.86 4.10 -12.67
CA THR A 188 -22.15 3.96 -11.41
C THR A 188 -21.93 2.50 -11.01
N ARG A 189 -22.82 1.59 -11.43
CA ARG A 189 -22.71 0.21 -11.02
C ARG A 189 -21.47 -0.41 -11.66
N ASN A 190 -20.79 -1.26 -10.89
CA ASN A 190 -19.67 -2.12 -11.34
C ASN A 190 -18.49 -1.29 -11.81
N VAL A 191 -18.23 -0.21 -11.08
CA VAL A 191 -17.08 0.63 -11.30
C VAL A 191 -16.22 0.50 -10.06
N GLU A 192 -14.92 0.29 -10.26
CA GLU A 192 -13.93 0.41 -9.21
C GLU A 192 -12.85 1.39 -9.65
N THR A 193 -12.65 2.43 -8.84
CA THR A 193 -11.63 3.43 -9.13
C THR A 193 -10.61 3.49 -8.00
N THR A 194 -9.32 3.46 -8.36
CA THR A 194 -8.28 3.64 -7.37
C THR A 194 -8.16 5.10 -6.94
N ARG A 195 -7.58 5.29 -5.75
CA ARG A 195 -7.04 6.58 -5.38
C ARG A 195 -5.76 6.80 -6.17
N ALA A 196 -5.28 8.03 -6.14
CA ALA A 196 -4.01 8.40 -6.78
C ALA A 196 -2.83 7.80 -6.02
N SER A 197 -1.83 7.31 -6.78
CA SER A 197 -0.60 6.81 -6.20
C SER A 197 0.60 7.48 -6.86
N LYS A 198 1.66 7.68 -6.07
CA LYS A 198 2.86 8.34 -6.54
C LYS A 198 3.62 7.46 -7.55
N GLN A 199 4.01 8.07 -8.67
CA GLN A 199 4.83 7.48 -9.71
C GLN A 199 6.29 7.70 -9.36
N SER A 200 7.18 7.04 -10.10
CA SER A 200 8.60 7.19 -9.78
C SER A 200 9.09 8.61 -10.12
N ASN A 201 8.39 9.28 -11.04
CA ASN A 201 8.75 10.62 -11.50
C ASN A 201 8.06 11.72 -10.70
N SER A 202 7.44 11.37 -9.59
CA SER A 202 6.85 12.24 -8.58
C SER A 202 5.53 12.88 -9.03
N LYS A 203 5.03 12.48 -10.18
CA LYS A 203 3.61 12.68 -10.49
C LYS A 203 2.80 11.48 -10.02
N TYR A 204 1.50 11.52 -10.30
CA TYR A 204 0.60 10.50 -9.77
C TYR A 204 -0.10 9.74 -10.90
N ALA A 205 -0.57 8.56 -10.53
CA ALA A 205 -1.36 7.68 -11.36
C ALA A 205 -2.61 7.20 -10.61
N ALA A 206 -3.58 6.76 -11.41
CA ALA A 206 -4.81 6.11 -10.95
C ALA A 206 -5.41 5.28 -12.09
N SER A 207 -6.30 4.35 -11.74
CA SER A 207 -6.99 3.60 -12.77
C SER A 207 -8.45 3.41 -12.38
N SER A 208 -9.28 3.18 -13.39
CA SER A 208 -10.68 2.87 -13.17
C SER A 208 -11.08 1.75 -14.11
N TYR A 209 -11.94 0.86 -13.59
CA TYR A 209 -12.45 -0.31 -14.29
C TYR A 209 -13.97 -0.34 -14.26
N LEU A 210 -14.55 -0.54 -15.42
CA LEU A 210 -15.98 -0.76 -15.53
C LEU A 210 -16.21 -2.18 -16.06
N SER A 211 -16.87 -3.00 -15.25
CA SER A 211 -17.11 -4.41 -15.56
C SER A 211 -18.53 -4.58 -16.10
N LEU A 212 -18.68 -5.03 -17.36
CA LEU A 212 -19.98 -5.19 -17.99
C LEU A 212 -20.09 -6.64 -18.47
N THR A 213 -21.32 -7.08 -18.76
CA THR A 213 -21.49 -8.26 -19.60
C THR A 213 -21.17 -7.89 -21.04
N SER A 214 -20.88 -8.90 -21.88
CA SER A 214 -20.59 -8.64 -23.29
C SER A 214 -21.80 -8.00 -23.98
N SER A 215 -23.01 -8.38 -23.55
CA SER A 215 -24.24 -7.82 -24.09
C SER A 215 -24.39 -6.32 -23.81
N ASP A 216 -24.12 -5.88 -22.58
CA ASP A 216 -24.24 -4.46 -22.26
C ASP A 216 -23.22 -3.66 -23.09
N TRP A 217 -21.98 -4.18 -23.19
CA TRP A 217 -20.98 -3.51 -24.02
C TRP A 217 -21.52 -3.27 -25.43
N LYS A 218 -22.03 -4.35 -26.05
CA LYS A 218 -22.39 -4.30 -27.46
C LYS A 218 -23.61 -3.41 -27.67
N SER A 219 -24.43 -3.26 -26.64
CA SER A 219 -25.74 -2.62 -26.78
C SER A 219 -25.64 -1.11 -26.91
N LYS A 220 -24.44 -0.53 -26.68
CA LYS A 220 -24.33 0.91 -26.60
C LYS A 220 -23.56 1.48 -27.77
N GLY A 221 -23.91 2.71 -28.14
CA GLY A 221 -23.21 3.43 -29.17
C GLY A 221 -21.80 3.80 -28.77
N SER A 222 -21.61 4.17 -27.50
CA SER A 222 -20.32 4.69 -27.07
C SER A 222 -20.20 4.64 -25.55
N TYR A 223 -18.97 4.41 -25.07
CA TYR A 223 -18.65 4.52 -23.65
C TYR A 223 -17.52 5.53 -23.49
N SER A 224 -17.59 6.30 -22.40
CA SER A 224 -16.64 7.37 -22.12
C SER A 224 -16.08 7.21 -20.69
N CYS A 225 -14.80 7.50 -20.54
CA CYS A 225 -14.17 7.72 -19.26
C CYS A 225 -13.81 9.19 -19.20
N GLU A 226 -14.37 9.91 -18.21
CA GLU A 226 -14.22 11.35 -18.08
C GLU A 226 -13.51 11.61 -16.76
N VAL A 227 -12.28 12.12 -16.86
CA VAL A 227 -11.42 12.29 -15.74
C VAL A 227 -11.36 13.79 -15.47
N THR A 228 -11.70 14.19 -14.24
CA THR A 228 -11.59 15.58 -13.85
C THR A 228 -10.41 15.77 -12.89
N HIS A 229 -9.62 16.78 -13.17
CA HIS A 229 -8.46 17.19 -12.38
C HIS A 229 -8.53 18.67 -12.10
N GLU A 230 -8.82 18.98 -10.82
CA GLU A 230 -8.96 20.35 -10.33
C GLU A 230 -9.76 21.16 -11.32
N GLY A 231 -10.96 20.68 -11.66
CA GLY A 231 -11.93 21.50 -12.39
C GLY A 231 -11.84 21.36 -13.91
N SER A 232 -10.83 20.65 -14.46
CA SER A 232 -10.69 20.53 -15.91
C SER A 232 -10.79 19.06 -16.29
N THR A 233 -11.62 18.75 -17.30
CA THR A 233 -11.99 17.37 -17.64
C THR A 233 -11.33 16.91 -18.94
N VAL A 234 -10.63 15.76 -18.90
CA VAL A 234 -10.05 15.04 -20.06
C VAL A 234 -10.93 13.80 -20.28
N THR A 235 -11.53 13.64 -21.48
CA THR A 235 -12.50 12.62 -21.80
C THR A 235 -11.98 11.73 -22.93
N LYS A 236 -12.12 10.42 -22.74
CA LYS A 236 -11.81 9.44 -23.77
C LYS A 236 -13.03 8.56 -24.02
N THR A 237 -13.20 8.15 -25.30
CA THR A 237 -14.39 7.45 -25.71
C THR A 237 -14.03 6.25 -26.59
N VAL A 238 -14.80 5.19 -26.47
CA VAL A 238 -14.69 4.03 -27.35
C VAL A 238 -16.09 3.63 -27.81
N LYS A 239 -16.22 3.24 -29.09
CA LYS A 239 -17.50 2.84 -29.64
C LYS A 239 -17.44 1.36 -30.02
N PRO A 240 -18.32 0.52 -29.43
CA PRO A 240 -18.29 -0.92 -29.66
C PRO A 240 -18.29 -1.29 -31.16
N SER A 241 -18.97 -0.48 -31.97
CA SER A 241 -19.05 -0.71 -33.40
C SER A 241 -17.69 -0.53 -34.08
N GLU A 242 -16.79 0.25 -33.48
CA GLU A 242 -15.48 0.43 -34.05
C GLU A 242 -14.44 -0.43 -33.33
N CYS A 243 -14.78 -0.94 -32.15
CA CYS A 243 -13.84 -1.68 -31.33
C CYS A 243 -14.27 -3.14 -31.31
N VAL B 30 21.07 -8.54 13.31
CA VAL B 30 19.60 -8.53 13.56
C VAL B 30 18.90 -7.99 12.31
N GLN B 31 17.87 -8.72 11.83
CA GLN B 31 17.06 -8.25 10.72
C GLN B 31 15.57 -8.56 10.89
N LEU B 32 15.22 -9.68 11.55
CA LEU B 32 13.85 -10.16 11.73
C LEU B 32 13.23 -10.58 10.39
N ARG B 33 12.55 -11.72 10.36
CA ARG B 33 11.83 -12.14 9.16
C ARG B 33 10.54 -12.85 9.54
N GLU B 34 9.45 -12.36 8.96
CA GLU B 34 8.13 -12.92 9.14
C GLU B 34 7.89 -14.00 8.10
N SER B 35 7.29 -15.12 8.55
CA SER B 35 6.81 -16.14 7.62
C SER B 35 5.40 -16.59 8.00
N GLY B 36 4.64 -16.95 6.97
CA GLY B 36 3.30 -17.49 7.09
C GLY B 36 2.48 -17.27 5.81
N PRO B 37 1.18 -17.65 5.80
CA PRO B 37 0.36 -17.46 4.61
C PRO B 37 0.10 -15.99 4.28
N SER B 38 -0.04 -15.67 2.98
CA SER B 38 -0.34 -14.31 2.55
C SER B 38 -1.86 -14.12 2.40
N LEU B 39 -2.61 -15.21 2.66
CA LEU B 39 -4.04 -15.23 2.44
C LEU B 39 -4.65 -16.25 3.40
N VAL B 40 -5.74 -15.86 4.07
CA VAL B 40 -6.44 -16.76 4.98
C VAL B 40 -7.92 -16.44 4.93
N GLN B 41 -8.77 -17.40 5.31
CA GLN B 41 -10.20 -17.25 5.23
C GLN B 41 -10.81 -16.65 6.48
N PRO B 42 -11.89 -15.85 6.37
CA PRO B 42 -12.60 -15.31 7.53
C PRO B 42 -13.02 -16.40 8.52
N SER B 43 -12.79 -16.09 9.80
CA SER B 43 -13.11 -16.92 10.95
C SER B 43 -11.99 -17.92 11.26
N GLN B 44 -11.05 -18.17 10.33
CA GLN B 44 -9.87 -18.98 10.62
C GLN B 44 -8.85 -18.22 11.50
N THR B 45 -7.76 -18.92 11.84
CA THR B 45 -6.68 -18.41 12.66
C THR B 45 -5.45 -18.19 11.79
N LEU B 46 -4.95 -16.95 11.82
CA LEU B 46 -3.68 -16.58 11.17
C LEU B 46 -2.54 -16.81 12.15
N SER B 47 -1.51 -17.46 11.63
CA SER B 47 -0.37 -17.89 12.41
C SER B 47 0.89 -17.47 11.67
N LEU B 48 1.72 -16.65 12.32
CA LEU B 48 2.93 -16.15 11.70
C LEU B 48 4.11 -16.57 12.56
N THR B 49 5.29 -16.66 11.93
CA THR B 49 6.53 -16.89 12.63
C THR B 49 7.51 -15.78 12.34
N CYS B 50 8.36 -15.50 13.33
CA CYS B 50 9.45 -14.57 13.20
C CYS B 50 10.74 -15.30 13.52
N THR B 51 11.72 -15.17 12.60
CA THR B 51 13.08 -15.66 12.77
C THR B 51 14.04 -14.61 12.18
N ALA B 52 15.19 -15.07 11.67
CA ALA B 52 16.18 -14.27 10.94
C ALA B 52 17.02 -13.48 11.93
N SER B 53 17.16 -14.04 13.13
CA SER B 53 17.70 -13.35 14.29
C SER B 53 19.21 -13.49 14.31
N GLY B 54 19.89 -12.37 14.62
CA GLY B 54 21.31 -12.37 14.97
C GLY B 54 21.49 -11.99 16.45
N PHE B 55 20.81 -12.74 17.32
CA PHE B 55 20.92 -12.59 18.76
C PHE B 55 19.90 -13.52 19.43
N SER B 56 19.95 -13.61 20.76
CA SER B 56 19.18 -14.59 21.50
C SER B 56 17.90 -13.99 22.08
N LEU B 57 16.81 -14.75 21.98
CA LEU B 57 15.53 -14.27 22.48
C LEU B 57 15.58 -14.03 23.99
N SER B 58 16.55 -14.67 24.67
CA SER B 58 16.68 -14.50 26.11
C SER B 58 17.36 -13.17 26.44
N ASP B 59 17.84 -12.46 25.40
CA ASP B 59 18.47 -11.15 25.57
C ASP B 59 17.52 -10.03 25.21
N LYS B 60 16.55 -10.24 24.29
CA LYS B 60 15.67 -9.14 23.91
C LYS B 60 14.21 -9.56 23.67
N ALA B 61 13.35 -8.57 23.87
CA ALA B 61 11.93 -8.70 23.67
C ALA B 61 11.56 -8.53 22.19
N VAL B 62 10.54 -9.29 21.78
CA VAL B 62 10.04 -9.22 20.41
C VAL B 62 8.59 -8.78 20.46
N GLY B 63 8.26 -7.82 19.57
CA GLY B 63 6.92 -7.27 19.46
C GLY B 63 6.34 -7.58 18.07
N TRP B 64 5.02 -7.61 17.99
CA TRP B 64 4.36 -7.61 16.71
C TRP B 64 3.56 -6.34 16.56
N VAL B 65 3.67 -5.78 15.35
CA VAL B 65 3.04 -4.55 14.91
C VAL B 65 2.38 -4.84 13.55
N ARG B 66 1.20 -4.33 13.32
CA ARG B 66 0.59 -4.48 12.01
C ARG B 66 0.12 -3.12 11.50
N GLN B 67 -0.15 -3.05 10.19
CA GLN B 67 -0.79 -1.89 9.58
C GLN B 67 -1.79 -2.35 8.53
N ALA B 68 -3.08 -2.20 8.87
CA ALA B 68 -4.17 -2.40 7.94
C ALA B 68 -4.08 -1.31 6.89
N PRO B 69 -4.51 -1.57 5.64
CA PRO B 69 -4.45 -0.57 4.58
C PRO B 69 -5.12 0.74 4.95
N GLY B 70 -4.37 1.83 4.80
CA GLY B 70 -4.83 3.17 5.12
C GLY B 70 -5.11 3.41 6.61
N LYS B 71 -4.67 2.50 7.49
CA LYS B 71 -4.71 2.78 8.92
C LYS B 71 -3.30 3.03 9.45
N ALA B 72 -3.26 3.47 10.69
CA ALA B 72 -2.00 3.67 11.40
C ALA B 72 -1.41 2.32 11.80
N LEU B 73 -0.13 2.34 12.18
CA LEU B 73 0.50 1.22 12.87
C LEU B 73 -0.32 0.89 14.09
N GLU B 74 -0.44 -0.42 14.36
CA GLU B 74 -1.22 -0.87 15.47
C GLU B 74 -0.42 -1.93 16.21
N TRP B 75 -0.23 -1.69 17.51
CA TRP B 75 0.46 -2.63 18.35
C TRP B 75 -0.40 -3.89 18.54
N LEU B 76 0.22 -5.05 18.53
CA LEU B 76 -0.49 -6.28 18.80
C LEU B 76 -0.04 -6.80 20.16
N GLY B 77 1.27 -7.00 20.33
CA GLY B 77 1.80 -7.33 21.65
C GLY B 77 3.27 -7.74 21.61
N SER B 78 3.77 -8.22 22.75
CA SER B 78 5.19 -8.54 22.83
C SER B 78 5.35 -9.73 23.74
N ILE B 79 6.54 -10.31 23.63
CA ILE B 79 7.00 -11.31 24.58
C ILE B 79 8.44 -11.00 25.00
N ASP B 80 8.68 -10.86 26.31
CA ASP B 80 9.99 -10.45 26.81
C ASP B 80 10.88 -11.68 26.95
N THR B 81 12.11 -11.46 27.44
CA THR B 81 13.13 -12.50 27.52
C THR B 81 12.65 -13.66 28.39
N GLY B 82 11.81 -13.36 29.37
CA GLY B 82 11.34 -14.37 30.30
C GLY B 82 10.06 -15.05 29.84
N GLY B 83 9.57 -14.64 28.66
CA GLY B 83 8.40 -15.26 28.10
C GLY B 83 7.11 -14.61 28.58
N SER B 84 7.20 -13.50 29.32
CA SER B 84 6.01 -12.77 29.74
C SER B 84 5.47 -11.96 28.56
N THR B 85 4.15 -12.06 28.36
CA THR B 85 3.50 -11.41 27.25
C THR B 85 2.69 -10.20 27.72
N GLY B 86 2.63 -9.17 26.83
CA GLY B 86 1.64 -8.11 26.91
C GLY B 86 0.99 -7.92 25.54
N TYR B 87 -0.28 -7.56 25.56
CA TYR B 87 -1.10 -7.49 24.38
C TYR B 87 -1.86 -6.19 24.37
N ASN B 88 -2.09 -5.70 23.15
CA ASN B 88 -3.06 -4.65 22.93
C ASN B 88 -4.38 -5.02 23.64
N PRO B 89 -4.93 -4.25 24.59
CA PRO B 89 -6.09 -4.72 25.35
C PRO B 89 -7.33 -4.92 24.49
N GLY B 90 -7.48 -4.12 23.44
CA GLY B 90 -8.62 -4.25 22.54
C GLY B 90 -8.64 -5.56 21.76
N LEU B 91 -7.45 -6.14 21.49
CA LEU B 91 -7.32 -7.27 20.59
C LEU B 91 -7.00 -8.55 21.36
N LYS B 92 -6.72 -8.41 22.66
CA LYS B 92 -6.07 -9.45 23.44
C LYS B 92 -6.81 -10.80 23.35
N SER B 93 -8.15 -10.79 23.34
CA SER B 93 -8.89 -12.05 23.38
C SER B 93 -8.59 -12.94 22.15
N ARG B 94 -8.05 -12.36 21.08
CA ARG B 94 -7.82 -13.09 19.84
C ARG B 94 -6.34 -13.32 19.59
N LEU B 95 -5.47 -12.89 20.52
CA LEU B 95 -4.05 -12.87 20.24
C LEU B 95 -3.30 -13.91 21.08
N SER B 96 -2.37 -14.63 20.46
CA SER B 96 -1.44 -15.44 21.24
C SER B 96 -0.04 -15.30 20.70
N ILE B 97 0.89 -14.90 21.58
CA ILE B 97 2.32 -14.82 21.29
C ILE B 97 3.06 -15.77 22.22
N THR B 98 3.89 -16.63 21.61
CA THR B 98 4.76 -17.54 22.33
C THR B 98 6.12 -17.53 21.64
N LYS B 99 7.11 -18.15 22.29
CA LYS B 99 8.43 -18.30 21.71
C LYS B 99 9.03 -19.66 22.06
N ASP B 100 10.11 -19.99 21.34
CA ASP B 100 11.00 -21.07 21.75
C ASP B 100 12.44 -20.60 21.50
N ASN B 101 13.17 -20.37 22.60
CA ASN B 101 14.53 -19.87 22.56
C ASN B 101 15.39 -20.79 21.71
N SER B 102 15.05 -22.09 21.68
CA SER B 102 15.80 -23.11 20.92
C SER B 102 16.05 -22.64 19.50
N LYS B 103 14.95 -22.45 18.75
CA LYS B 103 15.02 -22.16 17.32
C LYS B 103 15.04 -20.65 17.05
N SER B 104 15.15 -19.83 18.10
CA SER B 104 15.13 -18.38 17.95
C SER B 104 13.89 -17.94 17.16
N GLN B 105 12.74 -18.49 17.54
CA GLN B 105 11.49 -18.22 16.84
C GLN B 105 10.44 -17.72 17.83
N VAL B 106 9.65 -16.75 17.34
CA VAL B 106 8.55 -16.18 18.06
C VAL B 106 7.32 -16.31 17.16
N SER B 107 6.20 -16.70 17.77
CA SER B 107 4.97 -16.93 17.05
C SER B 107 3.94 -15.86 17.40
N LEU B 108 3.05 -15.63 16.43
CA LEU B 108 1.83 -14.88 16.61
C LEU B 108 0.68 -15.70 16.01
N SER B 109 -0.40 -15.78 16.78
CA SER B 109 -1.67 -16.26 16.24
C SER B 109 -2.76 -15.24 16.53
N VAL B 110 -3.58 -15.04 15.50
CA VAL B 110 -4.74 -14.18 15.56
C VAL B 110 -5.98 -15.01 15.21
N SER B 111 -6.91 -15.10 16.15
CA SER B 111 -8.07 -15.96 16.00
C SER B 111 -9.28 -15.22 15.42
N SER B 112 -10.20 -16.01 14.84
CA SER B 112 -11.47 -15.51 14.34
C SER B 112 -11.25 -14.30 13.42
N VAL B 113 -10.39 -14.43 12.41
CA VAL B 113 -10.00 -13.29 11.60
C VAL B 113 -11.19 -12.77 10.79
N THR B 114 -11.23 -11.45 10.63
CA THR B 114 -12.12 -10.80 9.71
C THR B 114 -11.26 -10.03 8.70
N THR B 115 -11.91 -9.40 7.72
CA THR B 115 -11.23 -8.51 6.81
C THR B 115 -10.51 -7.36 7.55
N GLU B 116 -10.95 -7.02 8.77
CA GLU B 116 -10.30 -5.97 9.53
C GLU B 116 -8.88 -6.40 9.91
N ASP B 117 -8.57 -7.71 9.80
CA ASP B 117 -7.26 -8.26 10.13
C ASP B 117 -6.32 -8.31 8.93
N SER B 118 -6.79 -7.92 7.74
CA SER B 118 -5.89 -7.82 6.62
C SER B 118 -4.91 -6.70 6.97
N ALA B 119 -3.63 -6.97 6.79
CA ALA B 119 -2.64 -5.97 7.19
C ALA B 119 -1.28 -6.44 6.73
N THR B 120 -0.29 -5.53 6.79
CA THR B 120 1.09 -5.91 6.71
C THR B 120 1.52 -6.16 8.15
N TYR B 121 2.09 -7.34 8.41
CA TYR B 121 2.48 -7.74 9.76
C TYR B 121 3.99 -7.64 9.92
N TYR B 122 4.42 -6.88 10.94
CA TYR B 122 5.84 -6.69 11.25
C TYR B 122 6.26 -7.34 12.57
N CYS B 123 7.30 -8.19 12.51
CA CYS B 123 8.05 -8.66 13.65
C CYS B 123 9.06 -7.57 14.04
N THR B 124 9.24 -7.34 15.34
CA THR B 124 10.17 -6.31 15.80
C THR B 124 10.90 -6.78 17.06
N THR B 125 12.04 -6.13 17.33
CA THR B 125 12.68 -6.14 18.64
C THR B 125 12.36 -4.83 19.33
N VAL B 126 12.00 -4.92 20.62
CA VAL B 126 11.54 -3.76 21.35
C VAL B 126 12.34 -3.58 22.64
N HIS B 127 12.49 -2.30 23.00
CA HIS B 127 12.96 -1.91 24.30
C HIS B 127 11.72 -1.78 25.18
N GLN B 128 11.68 -2.55 26.28
CA GLN B 128 10.61 -2.46 27.27
C GLN B 128 11.26 -2.34 28.64
N GLU B 129 11.01 -1.26 29.38
CA GLU B 129 11.63 -1.09 30.69
C GLU B 129 10.77 -0.18 31.56
N THR B 130 10.98 -0.22 32.89
CA THR B 130 10.19 0.62 33.79
C THR B 130 11.02 1.80 34.32
N ILE B 172 8.24 9.13 40.48
CA ILE B 172 8.25 8.98 38.99
C ILE B 172 8.37 7.49 38.67
N HIS B 173 7.44 6.99 37.85
CA HIS B 173 7.30 5.56 37.57
C HIS B 173 6.81 5.37 36.13
N SER B 174 7.70 5.66 35.16
CA SER B 174 7.31 5.71 33.76
C SER B 174 7.84 4.49 32.99
N TYR B 175 7.12 4.17 31.92
CA TYR B 175 7.34 2.95 31.19
C TYR B 175 7.94 3.32 29.85
N GLU B 176 9.01 2.59 29.51
CA GLU B 176 9.83 2.87 28.35
C GLU B 176 9.51 1.84 27.26
N PHE B 177 9.24 2.32 26.06
CA PHE B 177 8.95 1.45 24.93
C PHE B 177 9.57 2.12 23.70
N HIS B 178 10.29 1.36 22.89
CA HIS B 178 10.49 1.76 21.50
C HIS B 178 10.85 0.55 20.67
N VAL B 179 10.62 0.68 19.37
CA VAL B 179 11.07 -0.35 18.46
C VAL B 179 12.51 -0.07 18.11
N ASP B 180 13.34 -1.06 18.41
CA ASP B 180 14.72 -1.07 17.97
C ASP B 180 14.82 -1.46 16.50
N ALA B 181 14.47 -2.71 16.21
CA ALA B 181 14.66 -3.25 14.88
C ALA B 181 13.30 -3.64 14.30
N TRP B 182 13.14 -3.41 13.01
CA TRP B 182 11.93 -3.76 12.26
C TRP B 182 12.20 -4.86 11.24
N GLY B 183 11.29 -5.84 11.14
CA GLY B 183 11.28 -6.73 9.99
C GLY B 183 10.81 -5.99 8.76
N ARG B 184 10.80 -6.71 7.63
CA ARG B 184 10.41 -6.15 6.34
C ARG B 184 8.90 -6.13 6.27
N GLY B 185 8.24 -6.98 7.06
CA GLY B 185 6.78 -7.04 6.99
C GLY B 185 6.28 -8.03 5.94
N LEU B 186 5.15 -8.68 6.26
CA LEU B 186 4.48 -9.63 5.38
C LEU B 186 3.02 -9.17 5.23
N LEU B 187 2.56 -8.85 4.01
CA LEU B 187 1.15 -8.54 3.78
C LEU B 187 0.33 -9.84 3.89
N VAL B 188 -0.70 -9.77 4.71
CA VAL B 188 -1.64 -10.87 4.82
C VAL B 188 -3.02 -10.33 4.48
N THR B 189 -3.73 -11.02 3.60
CA THR B 189 -5.09 -10.60 3.29
C THR B 189 -6.05 -11.67 3.81
N VAL B 190 -7.11 -11.21 4.44
CA VAL B 190 -8.16 -12.09 4.90
C VAL B 190 -9.31 -11.93 3.90
N SER B 191 -9.64 -13.02 3.18
CA SER B 191 -10.67 -12.96 2.16
C SER B 191 -11.36 -14.32 2.03
N SER B 192 -12.63 -14.28 1.63
CA SER B 192 -13.37 -15.46 1.22
C SER B 192 -12.77 -16.07 -0.03
N ALA B 193 -12.18 -15.23 -0.90
CA ALA B 193 -11.49 -15.71 -2.08
C ALA B 193 -10.17 -16.40 -1.73
N SER B 194 -9.90 -17.51 -2.43
CA SER B 194 -8.67 -18.27 -2.29
C SER B 194 -7.77 -18.03 -3.50
N THR B 195 -6.59 -18.63 -3.48
CA THR B 195 -5.59 -18.38 -4.47
C THR B 195 -6.15 -18.65 -5.85
N THR B 196 -6.03 -17.64 -6.74
CA THR B 196 -6.60 -17.66 -8.09
C THR B 196 -5.62 -16.98 -9.02
N ALA B 197 -5.18 -17.68 -10.08
CA ALA B 197 -4.21 -17.20 -11.04
C ALA B 197 -4.95 -16.25 -11.97
N PRO B 198 -4.29 -15.21 -12.50
CA PRO B 198 -4.97 -14.24 -13.35
C PRO B 198 -5.27 -14.80 -14.75
N LYS B 199 -6.31 -14.25 -15.34
CA LYS B 199 -6.49 -14.30 -16.80
C LYS B 199 -5.89 -13.03 -17.41
N VAL B 200 -5.04 -13.19 -18.42
CA VAL B 200 -4.39 -12.05 -19.05
C VAL B 200 -5.01 -11.77 -20.41
N TYR B 201 -5.39 -10.51 -20.65
CA TYR B 201 -6.03 -10.09 -21.87
C TYR B 201 -5.21 -8.98 -22.51
N PRO B 202 -5.10 -9.01 -23.87
CA PRO B 202 -4.34 -7.99 -24.60
C PRO B 202 -5.21 -6.74 -24.71
N LEU B 203 -4.57 -5.60 -24.58
CA LEU B 203 -5.25 -4.33 -24.72
C LEU B 203 -4.67 -3.53 -25.89
N SER B 204 -5.56 -2.85 -26.59
CA SER B 204 -5.10 -1.85 -27.55
C SER B 204 -6.06 -0.65 -27.56
N SER B 205 -5.48 0.55 -27.57
CA SER B 205 -6.22 1.80 -27.60
C SER B 205 -6.60 2.17 -29.03
N CYS B 206 -6.08 1.42 -30.00
CA CYS B 206 -6.21 1.72 -31.42
C CYS B 206 -7.57 2.34 -31.77
N CYS B 207 -8.65 1.67 -31.38
CA CYS B 207 -9.97 1.98 -31.90
C CYS B 207 -10.54 3.27 -31.32
N GLY B 208 -9.90 3.82 -30.27
CA GLY B 208 -10.29 5.10 -29.71
C GLY B 208 -9.65 6.28 -30.42
N SER B 212 -3.46 9.49 -35.29
CA SER B 212 -2.58 9.01 -34.20
C SER B 212 -1.39 8.24 -34.75
N SER B 213 -0.17 8.73 -34.46
CA SER B 213 1.08 8.11 -34.87
C SER B 213 1.59 7.13 -33.81
N THR B 214 1.11 7.29 -32.57
CA THR B 214 1.47 6.46 -31.44
C THR B 214 0.28 5.57 -31.06
N VAL B 215 0.52 4.27 -30.89
CA VAL B 215 -0.49 3.37 -30.37
C VAL B 215 -0.10 2.99 -28.95
N THR B 216 -1.08 2.81 -28.07
CA THR B 216 -0.75 2.32 -26.73
C THR B 216 -1.34 0.93 -26.61
N LEU B 217 -0.46 0.02 -26.17
CA LEU B 217 -0.79 -1.38 -25.99
C LEU B 217 -0.82 -1.64 -24.50
N GLY B 218 -1.38 -2.78 -24.12
CA GLY B 218 -1.25 -3.17 -22.74
C GLY B 218 -1.70 -4.62 -22.53
N CYS B 219 -1.72 -4.97 -21.26
CA CYS B 219 -2.24 -6.24 -20.77
C CYS B 219 -3.08 -5.97 -19.54
N LEU B 220 -4.27 -6.57 -19.54
CA LEU B 220 -5.15 -6.57 -18.39
C LEU B 220 -4.87 -7.88 -17.66
N VAL B 221 -4.49 -7.73 -16.39
CA VAL B 221 -4.23 -8.86 -15.53
C VAL B 221 -5.45 -9.04 -14.65
N SER B 222 -6.33 -9.96 -15.06
CA SER B 222 -7.72 -9.99 -14.59
C SER B 222 -7.93 -11.06 -13.53
N SER B 223 -8.54 -10.65 -12.42
CA SER B 223 -9.27 -11.53 -11.53
C SER B 223 -8.33 -12.50 -10.82
N TYR B 224 -7.36 -11.98 -10.05
CA TYR B 224 -6.41 -12.83 -9.35
C TYR B 224 -6.50 -12.59 -7.84
N MET B 225 -5.84 -13.48 -7.10
CA MET B 225 -5.82 -13.48 -5.64
C MET B 225 -4.69 -14.39 -5.16
N PRO B 226 -3.83 -13.99 -4.20
CA PRO B 226 -3.71 -12.61 -3.70
C PRO B 226 -2.72 -11.77 -4.49
N GLU B 227 -2.49 -10.52 -4.04
CA GLU B 227 -1.31 -9.78 -4.48
C GLU B 227 -0.04 -10.52 -4.09
N PRO B 228 1.13 -10.24 -4.68
CA PRO B 228 1.27 -9.40 -5.86
C PRO B 228 1.36 -10.13 -7.20
N VAL B 229 1.39 -9.31 -8.25
CA VAL B 229 1.64 -9.66 -9.64
C VAL B 229 2.77 -8.75 -10.13
N THR B 230 3.58 -9.32 -10.99
CA THR B 230 4.74 -8.70 -11.62
C THR B 230 4.50 -8.69 -13.12
N VAL B 231 4.83 -7.57 -13.79
CA VAL B 231 4.71 -7.50 -15.24
C VAL B 231 6.00 -6.94 -15.83
N THR B 232 6.56 -7.67 -16.82
CA THR B 232 7.55 -7.12 -17.73
C THR B 232 7.03 -7.17 -19.18
N TRP B 233 7.78 -6.53 -20.08
CA TRP B 233 7.51 -6.58 -21.50
C TRP B 233 8.75 -7.10 -22.23
N ASN B 234 8.51 -8.02 -23.17
CA ASN B 234 9.57 -8.54 -24.02
C ASN B 234 10.72 -9.00 -23.12
N SER B 235 10.36 -9.71 -22.05
CA SER B 235 11.29 -10.36 -21.12
C SER B 235 12.26 -9.38 -20.44
N GLY B 236 11.87 -8.11 -20.29
CA GLY B 236 12.75 -7.14 -19.66
C GLY B 236 13.51 -6.28 -20.65
N ALA B 237 13.46 -6.66 -21.93
CA ALA B 237 14.13 -5.89 -22.98
C ALA B 237 13.48 -4.51 -23.13
N LEU B 238 12.16 -4.46 -22.96
CA LEU B 238 11.40 -3.23 -23.14
C LEU B 238 11.02 -2.65 -21.78
N LYS B 239 11.52 -1.44 -21.52
CA LYS B 239 11.32 -0.77 -20.24
C LYS B 239 10.84 0.65 -20.46
N SER B 240 11.31 1.30 -21.54
CA SER B 240 10.97 2.69 -21.81
C SER B 240 9.51 2.80 -22.23
N GLY B 241 8.76 3.64 -21.49
CA GLY B 241 7.38 3.89 -21.82
C GLY B 241 6.43 2.86 -21.22
N VAL B 242 6.98 1.96 -20.40
CA VAL B 242 6.17 0.99 -19.66
C VAL B 242 5.64 1.63 -18.39
N HIS B 243 4.34 1.45 -18.18
CA HIS B 243 3.71 1.85 -16.93
C HIS B 243 2.73 0.78 -16.47
N THR B 244 3.07 0.17 -15.34
CA THR B 244 2.22 -0.82 -14.70
C THR B 244 1.53 -0.20 -13.50
N PHE B 245 0.21 -0.38 -13.38
CA PHE B 245 -0.56 0.40 -12.42
C PHE B 245 -0.84 -0.44 -11.18
N PRO B 246 -1.02 0.15 -9.97
CA PRO B 246 -1.55 -0.58 -8.83
C PRO B 246 -2.94 -1.16 -9.05
N ALA B 247 -3.19 -2.27 -8.36
CA ALA B 247 -4.41 -3.02 -8.59
C ALA B 247 -5.65 -2.38 -7.99
N VAL B 248 -6.80 -2.81 -8.53
CA VAL B 248 -8.11 -2.52 -8.01
C VAL B 248 -8.65 -3.83 -7.43
N LEU B 249 -9.45 -3.76 -6.36
CA LEU B 249 -10.20 -4.93 -5.91
C LEU B 249 -11.64 -4.80 -6.40
N GLN B 250 -12.05 -5.73 -7.26
CA GLN B 250 -13.32 -5.59 -7.96
C GLN B 250 -14.42 -6.24 -7.15
N SER B 251 -15.65 -6.01 -7.57
CA SER B 251 -16.83 -6.51 -6.88
C SER B 251 -16.84 -8.04 -6.86
N SER B 252 -16.06 -8.67 -7.75
CA SER B 252 -15.87 -10.11 -7.75
C SER B 252 -15.20 -10.59 -6.47
N GLY B 253 -14.50 -9.70 -5.75
CA GLY B 253 -13.63 -10.13 -4.66
C GLY B 253 -12.21 -10.46 -5.13
N LEU B 254 -11.93 -10.23 -6.43
CA LEU B 254 -10.62 -10.53 -6.97
C LEU B 254 -9.98 -9.24 -7.49
N TYR B 255 -8.66 -9.26 -7.58
CA TYR B 255 -7.90 -8.09 -7.98
C TYR B 255 -7.74 -8.06 -9.50
N SER B 256 -7.60 -6.86 -10.06
CA SER B 256 -7.17 -6.72 -11.44
C SER B 256 -6.16 -5.57 -11.47
N LEU B 257 -5.15 -5.69 -12.32
CA LEU B 257 -4.27 -4.55 -12.58
C LEU B 257 -3.92 -4.53 -14.06
N SER B 258 -3.35 -3.42 -14.55
CA SER B 258 -3.07 -3.28 -15.97
C SER B 258 -1.68 -2.72 -16.14
N SER B 259 -1.03 -3.11 -17.25
CA SER B 259 0.27 -2.58 -17.64
C SER B 259 0.14 -2.05 -19.06
N MET B 260 0.72 -0.87 -19.35
CA MET B 260 0.59 -0.31 -20.68
C MET B 260 1.98 0.09 -21.18
N VAL B 261 2.09 0.15 -22.50
CA VAL B 261 3.31 0.64 -23.11
C VAL B 261 2.92 1.44 -24.35
N THR B 262 3.56 2.60 -24.50
CA THR B 262 3.32 3.47 -25.64
C THR B 262 4.46 3.28 -26.63
N VAL B 263 4.11 2.91 -27.87
CA VAL B 263 5.13 2.54 -28.84
C VAL B 263 5.14 3.56 -29.96
N PRO B 264 6.27 4.31 -30.14
CA PRO B 264 6.41 5.31 -31.21
C PRO B 264 6.08 4.83 -32.62
N GLY B 265 6.32 3.55 -32.91
CA GLY B 265 5.96 2.97 -34.20
C GLY B 265 4.48 2.66 -34.28
N SER B 268 7.56 0.29 -35.98
CA SER B 268 7.12 -0.95 -35.29
C SER B 268 6.08 -1.68 -36.15
N GLY B 269 6.53 -2.10 -37.35
CA GLY B 269 5.71 -2.84 -38.29
C GLY B 269 5.77 -4.34 -38.03
N THR B 270 7.00 -4.88 -37.94
CA THR B 270 7.21 -6.28 -37.60
C THR B 270 7.93 -6.40 -36.25
N GLN B 271 7.90 -5.34 -35.42
CA GLN B 271 8.33 -5.49 -34.04
C GLN B 271 7.18 -6.16 -33.27
N THR B 272 7.55 -6.82 -32.18
CA THR B 272 6.70 -7.79 -31.51
C THR B 272 6.57 -7.33 -30.04
N PHE B 273 5.38 -7.47 -29.44
CA PHE B 273 5.13 -7.04 -28.06
C PHE B 273 4.49 -8.18 -27.25
N THR B 274 5.18 -8.63 -26.21
CA THR B 274 4.68 -9.65 -25.30
C THR B 274 4.78 -9.17 -23.86
N CYS B 275 3.67 -9.23 -23.12
CA CYS B 275 3.74 -8.99 -21.70
C CYS B 275 3.98 -10.30 -20.94
N ASN B 276 4.85 -10.24 -19.94
CA ASN B 276 5.23 -11.35 -19.11
C ASN B 276 4.68 -11.14 -17.70
N VAL B 277 3.63 -11.90 -17.35
CA VAL B 277 2.99 -11.74 -16.06
C VAL B 277 3.42 -12.87 -15.14
N ALA B 278 3.78 -12.55 -13.90
CA ALA B 278 4.09 -13.56 -12.90
C ALA B 278 3.18 -13.37 -11.69
N HIS B 279 2.54 -14.46 -11.25
CA HIS B 279 1.72 -14.48 -10.05
C HIS B 279 2.30 -15.56 -9.14
N PRO B 280 3.28 -15.22 -8.29
CA PRO B 280 4.00 -16.22 -7.50
C PRO B 280 3.11 -17.11 -6.63
N ALA B 281 2.07 -16.55 -6.02
CA ALA B 281 1.25 -17.32 -5.10
C ALA B 281 0.64 -18.55 -5.76
N SER B 282 0.27 -18.46 -7.05
CA SER B 282 -0.25 -19.61 -7.78
C SER B 282 0.84 -20.31 -8.59
N SER B 283 2.10 -19.86 -8.51
CA SER B 283 3.22 -20.40 -9.25
C SER B 283 2.96 -20.39 -10.76
N THR B 284 2.50 -19.25 -11.26
CA THR B 284 2.11 -19.09 -12.64
C THR B 284 2.93 -17.98 -13.28
N LYS B 285 3.36 -18.21 -14.53
CA LYS B 285 3.80 -17.15 -15.42
C LYS B 285 3.04 -17.25 -16.73
N VAL B 286 2.56 -16.09 -17.23
CA VAL B 286 1.83 -16.04 -18.47
C VAL B 286 2.51 -15.08 -19.42
N ASP B 287 2.79 -15.51 -20.68
CA ASP B 287 3.20 -14.61 -21.75
C ASP B 287 2.02 -14.42 -22.70
N LYS B 288 1.63 -13.14 -22.91
CA LYS B 288 0.54 -12.83 -23.82
C LYS B 288 1.09 -11.93 -24.88
N ALA B 289 0.94 -12.36 -26.13
CA ALA B 289 1.33 -11.54 -27.26
C ALA B 289 0.21 -10.55 -27.55
N VAL B 290 0.61 -9.33 -27.93
CA VAL B 290 -0.31 -8.22 -28.08
C VAL B 290 -0.05 -7.56 -29.43
N ASP B 291 -1.13 -7.41 -30.20
CA ASP B 291 -1.07 -7.01 -31.60
C ASP B 291 -0.98 -5.48 -31.66
N PRO B 292 0.18 -4.90 -32.06
CA PRO B 292 0.31 -3.44 -32.15
C PRO B 292 -0.33 -2.78 -33.37
N ARG B 293 -0.81 -3.58 -34.32
CA ARG B 293 -1.28 -3.06 -35.61
C ARG B 293 -2.46 -2.13 -35.40
N CYS B 294 -2.44 -1.01 -36.13
CA CYS B 294 -3.47 0.01 -36.02
C CYS B 294 -3.49 0.86 -37.30
#